data_4QBO
#
_entry.id   4QBO
#
_cell.length_a   44.854
_cell.length_b   60.517
_cell.length_c   81.137
_cell.angle_alpha   90.00
_cell.angle_beta   90.00
_cell.angle_gamma   90.00
#
_symmetry.space_group_name_H-M   'C 2 2 21'
#
loop_
_entity.id
_entity.type
_entity.pdbx_description
1 polymer Nuclease
2 non-polymer 'MAGNESIUM ION'
3 water water
#
_entity_poly.entity_id   1
_entity_poly.type   'polypeptide(L)'
_entity_poly.pdbx_seq_one_letter_code
;GSMRTEKDIENYLKKKTKGLCLKFTSPGTIGVPDRIVVMNTGTFFVEVKAPGKKPRPSQVAMHKKIKEAGQHVWVVDSYE
SVDMALKEMENW
;
_entity_poly.pdbx_strand_id   A
#
loop_
_chem_comp.id
_chem_comp.type
_chem_comp.name
_chem_comp.formula
MG non-polymer 'MAGNESIUM ION' 'Mg 2'
#
# COMPACT_ATOMS: atom_id res chain seq x y z
N GLY A 1 14.81 19.39 -0.93
CA GLY A 1 16.04 18.98 -1.57
C GLY A 1 16.10 17.46 -1.76
N SER A 2 16.67 16.78 -0.76
CA SER A 2 16.89 15.36 -0.85
C SER A 2 16.05 14.53 0.15
N MET A 3 14.88 15.01 0.58
CA MET A 3 13.92 14.18 1.32
C MET A 3 13.33 13.10 0.42
N ARG A 4 13.12 11.90 0.96
CA ARG A 4 12.48 10.85 0.18
C ARG A 4 11.07 11.25 -0.24
N THR A 5 10.67 10.80 -1.43
CA THR A 5 9.36 11.09 -1.99
C THR A 5 8.52 9.82 -2.02
N GLU A 6 7.25 9.96 -2.41
CA GLU A 6 6.36 8.82 -2.57
C GLU A 6 7.00 7.75 -3.47
N LYS A 7 7.59 8.17 -4.58
N LYS A 7 7.58 8.18 -4.58
CA LYS A 7 8.19 7.23 -5.51
CA LYS A 7 8.19 7.25 -5.52
C LYS A 7 9.33 6.46 -4.88
C LYS A 7 9.31 6.45 -4.86
N ASP A 8 10.12 7.12 -4.04
CA ASP A 8 11.17 6.40 -3.31
C ASP A 8 10.56 5.31 -2.43
N ILE A 9 9.50 5.64 -1.71
CA ILE A 9 8.86 4.68 -0.81
C ILE A 9 8.32 3.50 -1.63
N GLU A 10 7.70 3.78 -2.76
CA GLU A 10 7.15 2.75 -3.62
C GLU A 10 8.25 1.84 -4.17
N ASN A 11 9.37 2.42 -4.57
CA ASN A 11 10.50 1.62 -5.07
C ASN A 11 11.05 0.71 -3.98
N TYR A 12 11.09 1.22 -2.75
CA TYR A 12 11.57 0.42 -1.63
C TYR A 12 10.61 -0.75 -1.35
N LEU A 13 9.32 -0.49 -1.35
CA LEU A 13 8.32 -1.55 -1.22
C LEU A 13 8.56 -2.63 -2.28
N LYS A 14 8.74 -2.24 -3.52
CA LYS A 14 9.00 -3.22 -4.59
C LYS A 14 10.24 -4.03 -4.30
N LYS A 15 11.29 -3.37 -3.83
CA LYS A 15 12.55 -4.05 -3.57
C LYS A 15 12.44 -5.08 -2.44
N LYS A 16 11.69 -4.75 -1.40
CA LYS A 16 11.63 -5.57 -0.20
C LYS A 16 10.58 -6.65 -0.23
N THR A 17 9.64 -6.59 -1.17
CA THR A 17 8.57 -7.59 -1.22
C THR A 17 9.12 -8.93 -1.63
N LYS A 18 8.84 -9.94 -0.81
CA LYS A 18 9.18 -11.33 -1.09
C LYS A 18 8.00 -11.98 -1.79
N GLY A 19 7.95 -11.81 -3.10
CA GLY A 19 6.80 -12.17 -3.91
C GLY A 19 6.67 -11.12 -4.99
N LEU A 20 5.45 -10.88 -5.45
CA LEU A 20 5.19 -9.87 -6.46
C LEU A 20 4.69 -8.59 -5.84
N CYS A 21 5.03 -7.47 -6.43
CA CYS A 21 4.50 -6.18 -5.98
C CYS A 21 4.00 -5.44 -7.21
N LEU A 22 2.77 -5.76 -7.61
CA LEU A 22 2.21 -5.34 -8.88
C LEU A 22 1.51 -3.99 -8.80
N LYS A 23 1.79 -3.13 -9.74
N LYS A 23 1.78 -3.11 -9.75
CA LYS A 23 1.06 -1.91 -9.88
CA LYS A 23 1.04 -1.88 -9.89
C LYS A 23 -0.42 -2.24 -10.05
C LYS A 23 -0.43 -2.17 -10.11
N PHE A 24 -1.29 -1.50 -9.36
CA PHE A 24 -2.73 -1.74 -9.45
C PHE A 24 -3.42 -0.51 -9.98
N THR A 25 -4.02 -0.63 -11.15
CA THR A 25 -4.92 0.36 -11.70
C THR A 25 -6.26 -0.33 -11.93
N SER A 26 -7.35 0.37 -11.71
CA SER A 26 -8.68 -0.20 -11.89
C SER A 26 -9.52 0.83 -12.62
N PRO A 27 -9.52 0.78 -13.96
CA PRO A 27 -10.22 1.80 -14.74
C PRO A 27 -11.66 1.97 -14.29
N GLY A 28 -12.08 3.21 -14.05
CA GLY A 28 -13.45 3.49 -13.67
C GLY A 28 -13.68 3.59 -12.18
N THR A 29 -12.68 3.25 -11.36
CA THR A 29 -12.83 3.31 -9.92
C THR A 29 -11.78 4.26 -9.39
N ILE A 30 -12.22 5.19 -8.57
CA ILE A 30 -11.36 6.21 -7.99
C ILE A 30 -10.71 5.69 -6.72
N GLY A 31 -9.45 6.03 -6.53
CA GLY A 31 -8.81 5.91 -5.23
C GLY A 31 -8.27 4.53 -4.87
N VAL A 32 -8.09 3.63 -5.83
CA VAL A 32 -7.63 2.29 -5.45
C VAL A 32 -6.16 2.29 -5.03
N PRO A 33 -5.77 1.37 -4.15
CA PRO A 33 -4.38 1.33 -3.70
C PRO A 33 -3.36 1.15 -4.84
N ASP A 34 -2.18 1.72 -4.66
CA ASP A 34 -1.11 1.71 -5.66
C ASP A 34 -0.64 0.34 -6.04
N ARG A 35 -0.55 -0.57 -5.07
CA ARG A 35 0.10 -1.85 -5.28
C ARG A 35 -0.67 -2.98 -4.66
N ILE A 36 -0.53 -4.15 -5.26
N ILE A 36 -0.55 -4.13 -5.29
CA ILE A 36 -1.00 -5.43 -4.71
CA ILE A 36 -0.92 -5.35 -4.63
C ILE A 36 0.22 -6.33 -4.50
C ILE A 36 0.33 -6.20 -4.45
N VAL A 37 0.47 -6.69 -3.23
CA VAL A 37 1.57 -7.57 -2.86
C VAL A 37 1.05 -9.00 -2.88
N VAL A 38 1.73 -9.85 -3.60
CA VAL A 38 1.35 -11.26 -3.71
C VAL A 38 2.44 -12.08 -3.03
N MET A 39 2.08 -12.79 -1.96
CA MET A 39 3.05 -13.63 -1.29
C MET A 39 2.37 -14.88 -0.77
N ASN A 40 3.12 -15.67 -0.05
CA ASN A 40 2.60 -16.96 0.33
C ASN A 40 1.34 -16.87 1.21
N THR A 41 1.29 -15.83 2.02
CA THR A 41 0.25 -15.68 3.03
C THR A 41 -1.01 -14.98 2.50
N GLY A 42 -0.98 -14.41 1.29
CA GLY A 42 -2.13 -13.70 0.80
C GLY A 42 -1.74 -12.68 -0.29
N THR A 43 -2.74 -12.05 -0.84
CA THR A 43 -2.59 -10.91 -1.75
C THR A 43 -3.13 -9.72 -0.98
N PHE A 44 -2.32 -8.65 -0.88
CA PHE A 44 -2.56 -7.56 0.04
C PHE A 44 -2.52 -6.22 -0.67
N PHE A 45 -3.38 -5.29 -0.27
CA PHE A 45 -3.40 -3.94 -0.82
C PHE A 45 -2.51 -2.99 -0.05
N VAL A 46 -1.75 -2.19 -0.81
CA VAL A 46 -0.86 -1.20 -0.23
C VAL A 46 -0.99 0.12 -0.96
N GLU A 47 -1.29 1.18 -0.22
CA GLU A 47 -1.23 2.54 -0.74
C GLU A 47 0.03 3.18 -0.25
N VAL A 48 0.75 3.85 -1.13
CA VAL A 48 2.02 4.49 -0.82
C VAL A 48 1.84 6.01 -0.80
N LYS A 49 2.34 6.66 0.24
CA LYS A 49 2.27 8.09 0.35
C LYS A 49 3.68 8.63 0.60
N ALA A 50 3.87 9.89 0.23
CA ALA A 50 5.09 10.57 0.61
C ALA A 50 5.17 10.67 2.14
N PRO A 51 6.38 10.76 2.68
CA PRO A 51 6.52 10.87 4.14
C PRO A 51 5.59 11.90 4.75
N GLY A 52 4.78 11.45 5.71
CA GLY A 52 3.89 12.31 6.46
C GLY A 52 2.53 12.61 5.83
N LYS A 53 2.31 12.19 4.59
N LYS A 53 2.31 12.19 4.58
CA LYS A 53 1.10 12.53 3.84
CA LYS A 53 1.09 12.56 3.85
C LYS A 53 0.01 11.49 4.07
C LYS A 53 0.00 11.51 4.05
N LYS A 54 -1.20 11.96 4.41
CA LYS A 54 -2.33 11.07 4.60
C LYS A 54 -3.06 10.75 3.28
N PRO A 55 -3.72 9.58 3.17
CA PRO A 55 -4.55 9.34 1.98
C PRO A 55 -5.65 10.39 1.86
N ARG A 56 -5.97 10.76 0.64
CA ARG A 56 -7.04 11.72 0.36
C ARG A 56 -8.39 11.09 0.72
N PRO A 57 -9.42 11.91 0.93
CA PRO A 57 -10.72 11.33 1.32
C PRO A 57 -11.27 10.32 0.30
N SER A 58 -11.02 10.52 -0.99
CA SER A 58 -11.48 9.55 -2.01
C SER A 58 -10.74 8.21 -1.89
N GLN A 59 -9.51 8.25 -1.44
CA GLN A 59 -8.72 7.05 -1.19
C GLN A 59 -9.21 6.37 0.06
N VAL A 60 -9.43 7.11 1.13
CA VAL A 60 -9.99 6.54 2.36
C VAL A 60 -11.33 5.89 2.07
N ALA A 61 -12.18 6.50 1.25
CA ALA A 61 -13.49 5.93 0.96
C ALA A 61 -13.35 4.59 0.24
N MET A 62 -12.35 4.49 -0.62
N MET A 62 -12.38 4.47 -0.65
CA MET A 62 -12.11 3.22 -1.32
CA MET A 62 -12.12 3.21 -1.31
CA MET A 62 -12.06 2.95 -1.47
C MET A 62 -11.56 2.16 -0.37
C MET A 62 -11.58 2.16 -0.33
N HIS A 63 -10.68 2.56 0.55
CA HIS A 63 -10.19 1.65 1.55
C HIS A 63 -11.32 1.15 2.43
N LYS A 64 -12.28 2.00 2.73
N LYS A 64 -12.26 2.00 2.77
CA LYS A 64 -13.43 1.62 3.53
CA LYS A 64 -13.41 1.58 3.55
C LYS A 64 -14.29 0.59 2.82
C LYS A 64 -14.22 0.53 2.80
N LYS A 65 -14.40 0.68 1.50
CA LYS A 65 -15.13 -0.32 0.73
C LYS A 65 -14.42 -1.67 0.80
N ILE A 66 -13.10 -1.65 0.72
N ILE A 66 -13.10 -1.65 0.73
CA ILE A 66 -12.30 -2.87 0.81
CA ILE A 66 -12.36 -2.89 0.80
C ILE A 66 -12.43 -3.50 2.19
C ILE A 66 -12.47 -3.50 2.19
N LYS A 67 -12.38 -2.68 3.23
CA LYS A 67 -12.54 -3.15 4.59
C LYS A 67 -13.95 -3.70 4.84
N GLU A 68 -14.97 -3.07 4.28
CA GLU A 68 -16.32 -3.58 4.39
C GLU A 68 -16.51 -4.91 3.69
N ALA A 69 -15.79 -5.13 2.61
CA ALA A 69 -15.81 -6.39 1.92
C ALA A 69 -15.01 -7.41 2.70
N GLY A 70 -14.17 -7.01 3.65
CA GLY A 70 -13.53 -7.92 4.58
C GLY A 70 -12.00 -7.96 4.54
N GLN A 71 -11.34 -7.09 3.80
CA GLN A 71 -9.89 -7.10 3.69
C GLN A 71 -9.27 -5.79 4.16
N HIS A 72 -8.03 -5.85 4.56
CA HIS A 72 -7.30 -4.70 5.10
C HIS A 72 -6.60 -3.93 3.97
N VAL A 73 -6.23 -2.68 4.24
CA VAL A 73 -5.38 -1.92 3.34
C VAL A 73 -4.28 -1.32 4.18
N TRP A 74 -3.03 -1.48 3.77
CA TRP A 74 -1.89 -0.86 4.42
C TRP A 74 -1.58 0.46 3.76
N VAL A 75 -1.22 1.45 4.54
CA VAL A 75 -0.73 2.72 4.02
C VAL A 75 0.70 2.86 4.50
N VAL A 76 1.64 3.02 3.59
CA VAL A 76 3.05 3.14 3.95
C VAL A 76 3.59 4.47 3.47
N ASP A 77 4.42 5.10 4.29
CA ASP A 77 4.94 6.42 3.97
C ASP A 77 6.40 6.59 4.39
N SER A 78 7.11 5.49 4.58
CA SER A 78 8.52 5.51 5.01
C SER A 78 9.09 4.13 4.80
N TYR A 79 10.40 4.00 4.80
CA TYR A 79 11.01 2.68 4.68
C TYR A 79 10.64 1.84 5.90
N GLU A 80 10.60 2.46 7.08
N GLU A 80 10.60 2.47 7.07
CA GLU A 80 10.26 1.72 8.29
CA GLU A 80 10.26 1.76 8.29
C GLU A 80 8.85 1.17 8.16
C GLU A 80 8.85 1.21 8.23
N SER A 81 7.91 1.98 7.70
CA SER A 81 6.54 1.51 7.62
C SER A 81 6.39 0.46 6.55
N VAL A 82 7.12 0.54 5.44
CA VAL A 82 7.18 -0.57 4.50
C VAL A 82 7.65 -1.86 5.17
N ASP A 83 8.72 -1.79 5.93
CA ASP A 83 9.27 -2.98 6.60
C ASP A 83 8.22 -3.57 7.52
N MET A 84 7.55 -2.73 8.29
N MET A 84 7.54 -2.73 8.29
CA MET A 84 6.53 -3.19 9.23
CA MET A 84 6.55 -3.22 9.23
C MET A 84 5.33 -3.80 8.52
C MET A 84 5.34 -3.82 8.51
N ALA A 85 4.91 -3.20 7.42
CA ALA A 85 3.77 -3.72 6.68
C ALA A 85 4.08 -5.10 6.10
N LEU A 86 5.25 -5.22 5.49
CA LEU A 86 5.64 -6.50 4.90
C LEU A 86 5.80 -7.57 5.96
N LYS A 87 6.34 -7.20 7.12
CA LYS A 87 6.47 -8.16 8.20
C LYS A 87 5.09 -8.65 8.68
N GLU A 88 4.13 -7.74 8.77
N GLU A 88 4.14 -7.72 8.78
CA GLU A 88 2.79 -8.11 9.16
CA GLU A 88 2.78 -8.09 9.15
C GLU A 88 2.17 -9.06 8.12
C GLU A 88 2.25 -9.10 8.13
N MET A 89 2.38 -8.78 6.84
CA MET A 89 1.87 -9.66 5.79
C MET A 89 2.51 -11.04 5.85
N GLU A 90 3.79 -11.11 6.15
CA GLU A 90 4.52 -12.37 6.21
C GLU A 90 4.00 -13.20 7.39
N ASN A 91 3.38 -12.55 8.37
CA ASN A 91 2.84 -13.22 9.55
C ASN A 91 1.31 -13.35 9.52
N TRP A 92 0.68 -13.05 8.41
CA TRP A 92 -0.76 -13.11 8.25
C TRP A 92 -1.26 -14.55 8.32
MG MG B . 0.02 6.78 -3.62
#